data_1VTW
# 
_entry.id   1VTW 
# 
_audit_conform.dict_name       mmcif_pdbx.dic 
_audit_conform.dict_version    5.383 
_audit_conform.dict_location   http://mmcif.pdb.org/dictionaries/ascii/mmcif_pdbx.dic 
# 
loop_
_database_2.database_id 
_database_2.database_code 
_database_2.pdbx_database_accession 
_database_2.pdbx_DOI 
PDB   1VTW         pdb_00001vtw 10.2210/pdb1vtw/pdb 
NDB   ZDFB06       ?            ?                   
RCSB  RCSB003053   ?            ?                   
WWPDB D_1000003053 ?            ?                   
# 
loop_
_pdbx_audit_revision_history.ordinal 
_pdbx_audit_revision_history.data_content_type 
_pdbx_audit_revision_history.major_revision 
_pdbx_audit_revision_history.minor_revision 
_pdbx_audit_revision_history.revision_date 
1 'Structure model' 1 0 2011-07-13 
2 'Structure model' 1 1 2023-12-27 
# 
_pdbx_audit_revision_details.ordinal             1 
_pdbx_audit_revision_details.revision_ordinal    1 
_pdbx_audit_revision_details.data_content_type   'Structure model' 
_pdbx_audit_revision_details.provider            repository 
_pdbx_audit_revision_details.type                'Initial release' 
_pdbx_audit_revision_details.description         ? 
_pdbx_audit_revision_details.details             ? 
# 
loop_
_pdbx_audit_revision_group.ordinal 
_pdbx_audit_revision_group.revision_ordinal 
_pdbx_audit_revision_group.data_content_type 
_pdbx_audit_revision_group.group 
1 2 'Structure model' 'Data collection'      
2 2 'Structure model' 'Database references'  
3 2 'Structure model' 'Derived calculations' 
# 
loop_
_pdbx_audit_revision_category.ordinal 
_pdbx_audit_revision_category.revision_ordinal 
_pdbx_audit_revision_category.data_content_type 
_pdbx_audit_revision_category.category 
1 2 'Structure model' chem_comp_atom 
2 2 'Structure model' chem_comp_bond 
3 2 'Structure model' database_2     
4 2 'Structure model' struct_conn    
# 
loop_
_pdbx_audit_revision_item.ordinal 
_pdbx_audit_revision_item.revision_ordinal 
_pdbx_audit_revision_item.data_content_type 
_pdbx_audit_revision_item.item 
1 2 'Structure model' '_database_2.pdbx_DOI'                
2 2 'Structure model' '_database_2.pdbx_database_accession' 
3 2 'Structure model' '_struct_conn.pdbx_leaving_atom_flag' 
# 
_pdbx_database_status.status_code                     REL 
_pdbx_database_status.entry_id                        1VTW 
_pdbx_database_status.recvd_initial_deposition_date   1988-08-18 
_pdbx_database_status.deposit_site                    RCSB 
_pdbx_database_status.process_site                    RCSB 
_pdbx_database_status.SG_entry                        ? 
_pdbx_database_status.status_code_sf                  ? 
_pdbx_database_status.status_code_mr                  ? 
_pdbx_database_status.status_code_cs                  ? 
_pdbx_database_status.pdb_format_compatible           Y 
_pdbx_database_status.status_code_nmr_data            ? 
_pdbx_database_status.methods_development_category    ? 
# 
loop_
_audit_author.name 
_audit_author.pdbx_ordinal 
'Wang, A.H.-J.'       1 
'Hakoshima, T.'       2 
'Van Der Marel, G.A.' 3 
'Van Boom, J.H.'      4 
'Rich, A.'            5 
# 
_citation.id                        primary 
_citation.title                     
'AT Base Pairs Are Less Stable than GC Base Pairs in Z-DNA: The Crystal Structure of d(m(5)CGTAm(5)CG)' 
_citation.journal_abbrev            'Cell(Cambridge,Mass.)' 
_citation.journal_volume            37 
_citation.page_first                321 
_citation.page_last                 331 
_citation.year                      1984 
_citation.journal_id_ASTM           CELLB5 
_citation.country                   US 
_citation.journal_id_ISSN           0092-8674 
_citation.journal_id_CSD            0998 
_citation.book_publisher            ? 
_citation.pdbx_database_id_PubMed   6722876 
_citation.pdbx_database_id_DOI      ? 
# 
loop_
_citation_author.citation_id 
_citation_author.name 
_citation_author.ordinal 
_citation_author.identifier_ORCID 
primary 'Wang, A.H.-J.'       1 ? 
primary 'Hakoshima, T.'       2 ? 
primary 'Van Der Marel, G.A.' 3 ? 
primary 'Van Boom, J.H.'      4 ? 
primary 'Rich, A.'            5 ? 
# 
_entity.id                         1 
_entity.type                       polymer 
_entity.src_method                 syn 
_entity.pdbx_description           
;DNA (5'-D(*(CH3)CP*GP*TP*AP*(CH3)CP*G)-3')
;
_entity.formula_weight             1837.271 
_entity.pdbx_number_of_molecules   2 
_entity.pdbx_ec                    ? 
_entity.pdbx_mutation              ? 
_entity.pdbx_fragment              ? 
_entity.details                    ? 
# 
_entity_poly.entity_id                      1 
_entity_poly.type                           polydeoxyribonucleotide 
_entity_poly.nstd_linkage                   no 
_entity_poly.nstd_monomer                   yes 
_entity_poly.pdbx_seq_one_letter_code       '(5CM)(DG)(DT)(DA)(5CM)(DG)' 
_entity_poly.pdbx_seq_one_letter_code_can   CGTACG 
_entity_poly.pdbx_strand_id                 A,B 
_entity_poly.pdbx_target_identifier         ? 
# 
loop_
_entity_poly_seq.entity_id 
_entity_poly_seq.num 
_entity_poly_seq.mon_id 
_entity_poly_seq.hetero 
1 1 5CM n 
1 2 DG  n 
1 3 DT  n 
1 4 DA  n 
1 5 5CM n 
1 6 DG  n 
# 
loop_
_chem_comp.id 
_chem_comp.type 
_chem_comp.mon_nstd_flag 
_chem_comp.name 
_chem_comp.pdbx_synonyms 
_chem_comp.formula 
_chem_comp.formula_weight 
5CM 'DNA linking' n "5-METHYL-2'-DEOXY-CYTIDINE-5'-MONOPHOSPHATE" ? 'C10 H16 N3 O7 P' 321.224 
DA  'DNA linking' y "2'-DEOXYADENOSINE-5'-MONOPHOSPHATE"          ? 'C10 H14 N5 O6 P' 331.222 
DG  'DNA linking' y "2'-DEOXYGUANOSINE-5'-MONOPHOSPHATE"          ? 'C10 H14 N5 O7 P' 347.221 
DT  'DNA linking' y "THYMIDINE-5'-MONOPHOSPHATE"                  ? 'C10 H15 N2 O8 P' 322.208 
# 
loop_
_pdbx_poly_seq_scheme.asym_id 
_pdbx_poly_seq_scheme.entity_id 
_pdbx_poly_seq_scheme.seq_id 
_pdbx_poly_seq_scheme.mon_id 
_pdbx_poly_seq_scheme.ndb_seq_num 
_pdbx_poly_seq_scheme.pdb_seq_num 
_pdbx_poly_seq_scheme.auth_seq_num 
_pdbx_poly_seq_scheme.pdb_mon_id 
_pdbx_poly_seq_scheme.auth_mon_id 
_pdbx_poly_seq_scheme.pdb_strand_id 
_pdbx_poly_seq_scheme.pdb_ins_code 
_pdbx_poly_seq_scheme.hetero 
A 1 1 5CM 1 1  1  5CM 5CM A . n 
A 1 2 DG  2 2  2  DG  DG  A . n 
A 1 3 DT  3 3  3  DT  T   A . n 
A 1 4 DA  4 4  4  DA  DA  A . n 
A 1 5 5CM 5 5  5  5CM 5CM A . n 
A 1 6 DG  6 6  6  DG  DG  A . n 
B 1 1 5CM 1 7  7  5CM 5CM B . n 
B 1 2 DG  2 8  8  DG  DG  B . n 
B 1 3 DT  3 9  9  DT  T   B . n 
B 1 4 DA  4 10 10 DA  DA  B . n 
B 1 5 5CM 5 11 11 5CM 5CM B . n 
B 1 6 DG  6 12 12 DG  DG  B . n 
# 
_software.name             NUCLSQ 
_software.classification   refinement 
_software.version          . 
_software.citation_id      ? 
_software.pdbx_ordinal     1 
# 
_cell.entry_id           1VTW 
_cell.length_a           17.910 
_cell.length_b           30.430 
_cell.length_c           44.960 
_cell.angle_alpha        90.00 
_cell.angle_beta         90.00 
_cell.angle_gamma        90.00 
_cell.Z_PDB              8 
_cell.pdbx_unique_axis   ? 
_cell.length_a_esd       ? 
_cell.length_b_esd       ? 
_cell.length_c_esd       ? 
_cell.angle_alpha_esd    ? 
_cell.angle_beta_esd     ? 
_cell.angle_gamma_esd    ? 
# 
_symmetry.entry_id                         1VTW 
_symmetry.space_group_name_H-M             'P 21 21 21' 
_symmetry.pdbx_full_space_group_name_H-M   ? 
_symmetry.cell_setting                     ? 
_symmetry.Int_Tables_number                19 
_symmetry.space_group_name_Hall            ? 
# 
_exptl.entry_id          1VTW 
_exptl.method            'X-RAY DIFFRACTION' 
_exptl.crystals_number   ? 
# 
_exptl_crystal.id                    1 
_exptl_crystal.density_meas          ? 
_exptl_crystal.density_percent_sol   26.22 
_exptl_crystal.density_Matthews      1.67 
_exptl_crystal.description           ? 
_exptl_crystal.F_000                 ? 
_exptl_crystal.preparation           ? 
# 
_exptl_crystal_grow.crystal_id      1 
_exptl_crystal_grow.method          'VAPOR DIFFUSION' 
_exptl_crystal_grow.temp            ? 
_exptl_crystal_grow.temp_details    'ROOM TEMPERATURE' 
_exptl_crystal_grow.pH              ? 
_exptl_crystal_grow.pdbx_details    'VAPOR DIFFUSION' 
_exptl_crystal_grow.pdbx_pH_range   ? 
# 
loop_
_exptl_crystal_grow_comp.crystal_id 
_exptl_crystal_grow_comp.id 
_exptl_crystal_grow_comp.sol_id 
_exptl_crystal_grow_comp.name 
_exptl_crystal_grow_comp.volume 
_exptl_crystal_grow_comp.conc 
_exptl_crystal_grow_comp.details 
1 1 1 WATER           1  2  3  
1 2 1 MPD             4  5  6  
1 3 1 'NA CACODYLATE' 7  8  9  
1 4 1 MGCL2           10 11 12 
1 5 1 SPERMINE        13 14 15 
1 6 2 WATER           16 17 18 
1 7 2 MPD             19 20 21 
# 
_diffrn.id                     1 
_diffrn.ambient_temp           263.00 
_diffrn.ambient_temp_details   ? 
_diffrn.crystal_id             1 
# 
_diffrn_detector.diffrn_id              1 
_diffrn_detector.detector               DIFFRACTOMETER 
_diffrn_detector.type                   'NICOLET P3' 
_diffrn_detector.pdbx_collection_date   ? 
_diffrn_detector.details                ? 
# 
_diffrn_radiation.diffrn_id                        1 
_diffrn_radiation.wavelength_id                    1 
_diffrn_radiation.pdbx_monochromatic_or_laue_m_l   M 
_diffrn_radiation.monochromator                    ? 
_diffrn_radiation.pdbx_diffrn_protocol             'SINGLE WAVELENGTH' 
_diffrn_radiation.pdbx_scattering_type             x-ray 
# 
_diffrn_radiation_wavelength.id           1 
_diffrn_radiation_wavelength.wavelength   . 
_diffrn_radiation_wavelength.wt           1.0 
# 
_reflns.entry_id                     1VTW 
_reflns.observed_criterion_sigma_I   1.500 
_reflns.observed_criterion_sigma_F   ? 
_reflns.d_resolution_low             ? 
_reflns.d_resolution_high            1.200 
_reflns.number_obs                   5412 
_reflns.number_all                   ? 
_reflns.percent_possible_obs         ? 
_reflns.pdbx_Rmerge_I_obs            ? 
_reflns.pdbx_Rsym_value              ? 
_reflns.pdbx_netI_over_sigmaI        ? 
_reflns.B_iso_Wilson_estimate        ? 
_reflns.pdbx_redundancy              ? 
_reflns.R_free_details               ? 
_reflns.pdbx_ordinal                 1 
_reflns.pdbx_diffrn_id               1 
_reflns.pdbx_chi_squared             ? 
_reflns.pdbx_scaling_rejects         ? 
# 
_refine.entry_id                                 1VTW 
_refine.ls_number_reflns_obs                     5412 
_refine.ls_number_reflns_all                     ? 
_refine.pdbx_ls_sigma_I                          1.500 
_refine.pdbx_ls_sigma_F                          ? 
_refine.pdbx_data_cutoff_high_absF               ? 
_refine.pdbx_data_cutoff_low_absF                ? 
_refine.pdbx_data_cutoff_high_rms_absF           ? 
_refine.ls_d_res_low                             ? 
_refine.ls_d_res_high                            1.200 
_refine.ls_percent_reflns_obs                    ? 
_refine.ls_R_factor_obs                          0.1600000 
_refine.ls_R_factor_all                          ? 
_refine.ls_R_factor_R_work                       ? 
_refine.ls_R_factor_R_free                       ? 
_refine.ls_R_factor_R_free_error                 ? 
_refine.ls_R_factor_R_free_error_details         ? 
_refine.ls_percent_reflns_R_free                 ? 
_refine.ls_number_reflns_R_free                  ? 
_refine.ls_number_parameters                     ? 
_refine.ls_number_restraints                     ? 
_refine.occupancy_min                            ? 
_refine.occupancy_max                            ? 
_refine.B_iso_mean                               ? 
_refine.aniso_B[1][1]                            ? 
_refine.aniso_B[2][2]                            ? 
_refine.aniso_B[3][3]                            ? 
_refine.aniso_B[1][2]                            ? 
_refine.aniso_B[1][3]                            ? 
_refine.aniso_B[2][3]                            ? 
_refine.solvent_model_details                    ? 
_refine.solvent_model_param_ksol                 ? 
_refine.solvent_model_param_bsol                 ? 
_refine.pdbx_ls_cross_valid_method               ? 
_refine.details                                  ? 
_refine.pdbx_starting_model                      ? 
_refine.pdbx_method_to_determine_struct          ? 
_refine.pdbx_isotropic_thermal_model             ? 
_refine.pdbx_stereochemistry_target_values       ? 
_refine.pdbx_stereochem_target_val_spec_case     ? 
_refine.pdbx_R_Free_selection_details            ? 
_refine.pdbx_overall_ESU_R_Free                  ? 
_refine.overall_SU_ML                            ? 
_refine.overall_SU_B                             ? 
_refine.ls_redundancy_reflns_obs                 ? 
_refine.correlation_coeff_Fo_to_Fc               ? 
_refine.correlation_coeff_Fo_to_Fc_free          ? 
_refine.overall_SU_R_Cruickshank_DPI             ? 
_refine.overall_SU_R_free                        ? 
_refine.pdbx_refine_id                           'X-RAY DIFFRACTION' 
_refine.pdbx_diffrn_id                           1 
_refine.pdbx_overall_phase_error                 ? 
_refine.pdbx_solvent_vdw_probe_radii             ? 
_refine.pdbx_solvent_ion_probe_radii             ? 
_refine.pdbx_solvent_shrinkage_radii             ? 
_refine.ls_wR_factor_R_free                      ? 
_refine.ls_wR_factor_R_work                      ? 
_refine.overall_FOM_free_R_set                   ? 
_refine.overall_FOM_work_R_set                   ? 
_refine.pdbx_overall_ESU_R                       ? 
_refine.pdbx_TLS_residual_ADP_flag               ? 
_refine.pdbx_overall_SU_R_free_Cruickshank_DPI   ? 
_refine.pdbx_overall_SU_R_Blow_DPI               ? 
_refine.pdbx_overall_SU_R_free_Blow_DPI          ? 
# 
_refine_hist.pdbx_refine_id                   'X-RAY DIFFRACTION' 
_refine_hist.cycle_id                         LAST 
_refine_hist.pdbx_number_atoms_protein        0 
_refine_hist.pdbx_number_atoms_nucleic_acid   244 
_refine_hist.pdbx_number_atoms_ligand         0 
_refine_hist.number_atoms_solvent             0 
_refine_hist.number_atoms_total               244 
_refine_hist.d_res_high                       1.200 
_refine_hist.d_res_low                        . 
# 
_struct.entry_id                  1VTW 
_struct.title                     
'AT Base Pairs Are Less Stable than GC Base Pairs in Z-DNA: The Crystal Structure of D(M(5)CGTAM(5)CG)' 
_struct.pdbx_model_details        ? 
_struct.pdbx_CASP_flag            ? 
_struct.pdbx_model_type_details   ? 
# 
_struct_keywords.entry_id        1VTW 
_struct_keywords.pdbx_keywords   DNA 
_struct_keywords.text            'Z-DNA, DOUBLE HELIX, MODIFIED, DNA' 
# 
loop_
_struct_asym.id 
_struct_asym.pdbx_blank_PDB_chainid_flag 
_struct_asym.pdbx_modified 
_struct_asym.entity_id 
_struct_asym.details 
A N N 1 ? 
B N N 1 ? 
# 
_struct_ref.id                         1 
_struct_ref.db_name                    PDB 
_struct_ref.db_code                    1VTW 
_struct_ref.pdbx_db_accession          1VTW 
_struct_ref.entity_id                  1 
_struct_ref.pdbx_align_begin           ? 
_struct_ref.pdbx_seq_one_letter_code   CGTACG 
_struct_ref.pdbx_db_isoform            ? 
# 
loop_
_struct_ref_seq.align_id 
_struct_ref_seq.ref_id 
_struct_ref_seq.pdbx_PDB_id_code 
_struct_ref_seq.pdbx_strand_id 
_struct_ref_seq.seq_align_beg 
_struct_ref_seq.pdbx_seq_align_beg_ins_code 
_struct_ref_seq.seq_align_end 
_struct_ref_seq.pdbx_seq_align_end_ins_code 
_struct_ref_seq.pdbx_db_accession 
_struct_ref_seq.db_align_beg 
_struct_ref_seq.pdbx_db_align_beg_ins_code 
_struct_ref_seq.db_align_end 
_struct_ref_seq.pdbx_db_align_end_ins_code 
_struct_ref_seq.pdbx_auth_seq_align_beg 
_struct_ref_seq.pdbx_auth_seq_align_end 
1 1 1VTW A 1 ? 6 ? 1VTW 1 ? 6  ? 1 6  
2 1 1VTW B 1 ? 6 ? 1VTW 7 ? 12 ? 7 12 
# 
_pdbx_struct_assembly.id                   1 
_pdbx_struct_assembly.details              author_and_software_defined_assembly 
_pdbx_struct_assembly.method_details       PISA 
_pdbx_struct_assembly.oligomeric_details   dimeric 
_pdbx_struct_assembly.oligomeric_count     2 
# 
loop_
_pdbx_struct_assembly_prop.biol_id 
_pdbx_struct_assembly_prop.type 
_pdbx_struct_assembly_prop.value 
_pdbx_struct_assembly_prop.details 
1 'ABSA (A^2)' 2310 ? 
1 MORE         16   ? 
1 'SSA (A^2)'  2110 ? 
# 
_pdbx_struct_assembly_gen.assembly_id       1 
_pdbx_struct_assembly_gen.oper_expression   1 
_pdbx_struct_assembly_gen.asym_id_list      A,B 
# 
_pdbx_struct_oper_list.id                   1 
_pdbx_struct_oper_list.type                 'identity operation' 
_pdbx_struct_oper_list.name                 1_555 
_pdbx_struct_oper_list.symmetry_operation   x,y,z 
_pdbx_struct_oper_list.matrix[1][1]         1.0000000000 
_pdbx_struct_oper_list.matrix[1][2]         0.0000000000 
_pdbx_struct_oper_list.matrix[1][3]         0.0000000000 
_pdbx_struct_oper_list.vector[1]            0.0000000000 
_pdbx_struct_oper_list.matrix[2][1]         0.0000000000 
_pdbx_struct_oper_list.matrix[2][2]         1.0000000000 
_pdbx_struct_oper_list.matrix[2][3]         0.0000000000 
_pdbx_struct_oper_list.vector[2]            0.0000000000 
_pdbx_struct_oper_list.matrix[3][1]         0.0000000000 
_pdbx_struct_oper_list.matrix[3][2]         0.0000000000 
_pdbx_struct_oper_list.matrix[3][3]         1.0000000000 
_pdbx_struct_oper_list.vector[3]            0.0000000000 
# 
_struct_biol.id                    1 
_struct_biol.pdbx_parent_biol_id   ? 
_struct_biol.details               ? 
# 
loop_
_struct_conn.id 
_struct_conn.conn_type_id 
_struct_conn.pdbx_leaving_atom_flag 
_struct_conn.pdbx_PDB_id 
_struct_conn.ptnr1_label_asym_id 
_struct_conn.ptnr1_label_comp_id 
_struct_conn.ptnr1_label_seq_id 
_struct_conn.ptnr1_label_atom_id 
_struct_conn.pdbx_ptnr1_label_alt_id 
_struct_conn.pdbx_ptnr1_PDB_ins_code 
_struct_conn.pdbx_ptnr1_standard_comp_id 
_struct_conn.ptnr1_symmetry 
_struct_conn.ptnr2_label_asym_id 
_struct_conn.ptnr2_label_comp_id 
_struct_conn.ptnr2_label_seq_id 
_struct_conn.ptnr2_label_atom_id 
_struct_conn.pdbx_ptnr2_label_alt_id 
_struct_conn.pdbx_ptnr2_PDB_ins_code 
_struct_conn.ptnr1_auth_asym_id 
_struct_conn.ptnr1_auth_comp_id 
_struct_conn.ptnr1_auth_seq_id 
_struct_conn.ptnr2_auth_asym_id 
_struct_conn.ptnr2_auth_comp_id 
_struct_conn.ptnr2_auth_seq_id 
_struct_conn.ptnr2_symmetry 
_struct_conn.pdbx_ptnr3_label_atom_id 
_struct_conn.pdbx_ptnr3_label_seq_id 
_struct_conn.pdbx_ptnr3_label_comp_id 
_struct_conn.pdbx_ptnr3_label_asym_id 
_struct_conn.pdbx_ptnr3_label_alt_id 
_struct_conn.pdbx_ptnr3_PDB_ins_code 
_struct_conn.details 
_struct_conn.pdbx_dist_value 
_struct_conn.pdbx_value_order 
_struct_conn.pdbx_role 
covale1  covale both ? A 5CM 1 "O3'" ? ? ? 1_555 A DG  2 P  ? ? A 5CM 1  A DG  2  1_555 ? ? ? ? ? ? ?            1.611 ? ? 
covale2  covale both ? A DA  4 "O3'" ? ? ? 1_555 A 5CM 5 P  ? ? A DA  4  A 5CM 5  1_555 ? ? ? ? ? ? ?            1.593 ? ? 
covale3  covale both ? A 5CM 5 "O3'" ? ? ? 1_555 A DG  6 P  ? ? A 5CM 5  A DG  6  1_555 ? ? ? ? ? ? ?            1.572 ? ? 
covale4  covale both ? B 5CM 1 "O3'" ? ? ? 1_555 B DG  2 P  ? ? B 5CM 7  B DG  8  1_555 ? ? ? ? ? ? ?            1.651 ? ? 
covale5  covale both ? B DA  4 "O3'" ? ? ? 1_555 B 5CM 5 P  ? ? B DA  10 B 5CM 11 1_555 ? ? ? ? ? ? ?            1.526 ? ? 
covale6  covale both ? B 5CM 5 "O3'" ? ? ? 1_555 B DG  6 P  ? ? B 5CM 11 B DG  12 1_555 ? ? ? ? ? ? ?            1.580 ? ? 
hydrog1  hydrog ?    ? A 5CM 1 N3    ? ? ? 1_555 B DG  6 N1 ? ? A 5CM 1  B DG  12 1_555 ? ? ? ? ? ? WATSON-CRICK ?     ? ? 
hydrog2  hydrog ?    ? A 5CM 1 N4    ? ? ? 1_555 B DG  6 O6 ? ? A 5CM 1  B DG  12 1_555 ? ? ? ? ? ? WATSON-CRICK ?     ? ? 
hydrog3  hydrog ?    ? A 5CM 1 O2    ? ? ? 1_555 B DG  6 N2 ? ? A 5CM 1  B DG  12 1_555 ? ? ? ? ? ? WATSON-CRICK ?     ? ? 
hydrog4  hydrog ?    ? A DG  2 N1    ? ? ? 1_555 B 5CM 5 N3 ? ? A DG  2  B 5CM 11 1_555 ? ? ? ? ? ? WATSON-CRICK ?     ? ? 
hydrog5  hydrog ?    ? A DG  2 N2    ? ? ? 1_555 B 5CM 5 O2 ? ? A DG  2  B 5CM 11 1_555 ? ? ? ? ? ? WATSON-CRICK ?     ? ? 
hydrog6  hydrog ?    ? A DG  2 O6    ? ? ? 1_555 B 5CM 5 N4 ? ? A DG  2  B 5CM 11 1_555 ? ? ? ? ? ? WATSON-CRICK ?     ? ? 
hydrog7  hydrog ?    ? A 5CM 5 N3    ? ? ? 1_555 B DG  2 N1 ? ? A 5CM 5  B DG  8  1_555 ? ? ? ? ? ? WATSON-CRICK ?     ? ? 
hydrog8  hydrog ?    ? A 5CM 5 N4    ? ? ? 1_555 B DG  2 O6 ? ? A 5CM 5  B DG  8  1_555 ? ? ? ? ? ? WATSON-CRICK ?     ? ? 
hydrog9  hydrog ?    ? A 5CM 5 O2    ? ? ? 1_555 B DG  2 N2 ? ? A 5CM 5  B DG  8  1_555 ? ? ? ? ? ? WATSON-CRICK ?     ? ? 
hydrog10 hydrog ?    ? A DG  6 N1    ? ? ? 1_555 B 5CM 1 N3 ? ? A DG  6  B 5CM 7  1_555 ? ? ? ? ? ? WATSON-CRICK ?     ? ? 
hydrog11 hydrog ?    ? A DG  6 N2    ? ? ? 1_555 B 5CM 1 O2 ? ? A DG  6  B 5CM 7  1_555 ? ? ? ? ? ? WATSON-CRICK ?     ? ? 
hydrog12 hydrog ?    ? A DG  6 O6    ? ? ? 1_555 B 5CM 1 N4 ? ? A DG  6  B 5CM 7  1_555 ? ? ? ? ? ? WATSON-CRICK ?     ? ? 
# 
loop_
_struct_conn_type.id 
_struct_conn_type.criteria 
_struct_conn_type.reference 
covale ? ? 
hydrog ? ? 
# 
loop_
_pdbx_validate_rmsd_bond.id 
_pdbx_validate_rmsd_bond.PDB_model_num 
_pdbx_validate_rmsd_bond.auth_atom_id_1 
_pdbx_validate_rmsd_bond.auth_asym_id_1 
_pdbx_validate_rmsd_bond.auth_comp_id_1 
_pdbx_validate_rmsd_bond.auth_seq_id_1 
_pdbx_validate_rmsd_bond.PDB_ins_code_1 
_pdbx_validate_rmsd_bond.label_alt_id_1 
_pdbx_validate_rmsd_bond.auth_atom_id_2 
_pdbx_validate_rmsd_bond.auth_asym_id_2 
_pdbx_validate_rmsd_bond.auth_comp_id_2 
_pdbx_validate_rmsd_bond.auth_seq_id_2 
_pdbx_validate_rmsd_bond.PDB_ins_code_2 
_pdbx_validate_rmsd_bond.label_alt_id_2 
_pdbx_validate_rmsd_bond.bond_value 
_pdbx_validate_rmsd_bond.bond_target_value 
_pdbx_validate_rmsd_bond.bond_deviation 
_pdbx_validate_rmsd_bond.bond_standard_deviation 
_pdbx_validate_rmsd_bond.linker_flag 
1  1 P     A DG 2  ? ? OP2   A DG  2  ? ? 1.373 1.485 -0.112 0.017 N 
2  1 "C4'" A DG 2  ? ? "C3'" A DG  2  ? ? 1.618 1.529 0.089  0.010 N 
3  1 "C3'" A DG 2  ? ? "C2'" A DG  2  ? ? 1.405 1.516 -0.111 0.008 N 
4  1 "C2'" A DG 2  ? ? "C1'" A DG  2  ? ? 1.579 1.519 0.060  0.010 N 
5  1 C6    A DG 2  ? ? N1    A DG  2  ? ? 1.342 1.391 -0.049 0.007 N 
6  1 C2    A DG 2  ? ? N2    A DG  2  ? ? 1.259 1.341 -0.082 0.010 N 
7  1 "O4'" A DT 3  ? ? "C4'" A DT  3  ? ? 1.507 1.449 0.058  0.009 N 
8  1 "O3'" A DT 3  ? ? "C3'" A DT  3  ? ? 1.360 1.419 -0.059 0.006 N 
9  1 P     A DA 4  ? ? "O5'" A DA  4  ? ? 1.674 1.593 0.081  0.010 N 
10 1 "C5'" A DA 4  ? ? "C4'" A DA  4  ? ? 1.589 1.512 0.077  0.007 N 
11 1 "C3'" A DA 4  ? ? "C2'" A DA  4  ? ? 1.421 1.516 -0.095 0.008 N 
12 1 C4    A DA 4  ? ? C5    A DA  4  ? ? 1.339 1.383 -0.044 0.007 N 
13 1 C8    A DA 4  ? ? N9    A DA  4  ? ? 1.303 1.373 -0.070 0.008 N 
14 1 P     A DG 6  ? ? "O5'" A DG  6  ? ? 1.690 1.593 0.097  0.010 N 
15 1 C6    A DG 6  ? ? N1    A DG  6  ? ? 1.345 1.391 -0.046 0.007 N 
16 1 P     B DG 8  ? ? OP1   B DG  8  ? ? 1.366 1.485 -0.119 0.017 N 
17 1 C6    B DG 8  ? ? N1    B DG  8  ? ? 1.345 1.391 -0.046 0.007 N 
18 1 C2    B DG 8  ? ? N2    B DG  8  ? ? 1.263 1.341 -0.078 0.010 N 
19 1 "C5'" B DT 9  ? ? "C4'" B DT  9  ? ? 1.597 1.512 0.085  0.007 N 
20 1 C5    B DT 9  ? ? C6    B DT  9  ? ? 1.283 1.339 -0.056 0.007 N 
21 1 "O4'" B DA 10 ? ? "C4'" B DA  10 ? ? 1.346 1.446 -0.100 0.010 N 
22 1 C2    B DA 10 ? ? N3    B DA  10 ? ? 1.390 1.331 0.059  0.009 N 
23 1 C8    B DA 10 ? ? N9    B DA  10 ? ? 1.322 1.373 -0.051 0.008 N 
24 1 "O3'" B DA 10 ? ? P     B 5CM 11 ? ? 1.526 1.607 -0.081 0.012 Y 
25 1 "C3'" B DG 12 ? ? "C2'" B DG  12 ? ? 1.452 1.516 -0.064 0.008 N 
26 1 "O4'" B DG 12 ? ? "C1'" B DG  12 ? ? 1.486 1.420 0.066  0.011 N 
27 1 C2    B DG 12 ? ? N2    B DG  12 ? ? 1.249 1.341 -0.092 0.010 N 
28 1 C6    B DG 12 ? ? O6    B DG  12 ? ? 1.294 1.237 0.057  0.009 N 
# 
loop_
_pdbx_validate_rmsd_angle.id 
_pdbx_validate_rmsd_angle.PDB_model_num 
_pdbx_validate_rmsd_angle.auth_atom_id_1 
_pdbx_validate_rmsd_angle.auth_asym_id_1 
_pdbx_validate_rmsd_angle.auth_comp_id_1 
_pdbx_validate_rmsd_angle.auth_seq_id_1 
_pdbx_validate_rmsd_angle.PDB_ins_code_1 
_pdbx_validate_rmsd_angle.label_alt_id_1 
_pdbx_validate_rmsd_angle.auth_atom_id_2 
_pdbx_validate_rmsd_angle.auth_asym_id_2 
_pdbx_validate_rmsd_angle.auth_comp_id_2 
_pdbx_validate_rmsd_angle.auth_seq_id_2 
_pdbx_validate_rmsd_angle.PDB_ins_code_2 
_pdbx_validate_rmsd_angle.label_alt_id_2 
_pdbx_validate_rmsd_angle.auth_atom_id_3 
_pdbx_validate_rmsd_angle.auth_asym_id_3 
_pdbx_validate_rmsd_angle.auth_comp_id_3 
_pdbx_validate_rmsd_angle.auth_seq_id_3 
_pdbx_validate_rmsd_angle.PDB_ins_code_3 
_pdbx_validate_rmsd_angle.label_alt_id_3 
_pdbx_validate_rmsd_angle.angle_value 
_pdbx_validate_rmsd_angle.angle_target_value 
_pdbx_validate_rmsd_angle.angle_deviation 
_pdbx_validate_rmsd_angle.angle_standard_deviation 
_pdbx_validate_rmsd_angle.linker_flag 
1  1 OP1   A DG 2  ? ? P     A DG 2  ? ? OP2   A DG 2  ? ? 133.11 119.60 13.51  1.50 N 
2  1 "O5'" A DG 2  ? ? P     A DG 2  ? ? OP1   A DG 2  ? ? 96.18  105.70 -9.52  0.90 N 
3  1 C4    A DG 2  ? ? C5    A DG 2  ? ? C6    A DG 2  ? ? 114.44 118.80 -4.36  0.60 N 
4  1 C5    A DG 2  ? ? C6    A DG 2  ? ? N1    A DG 2  ? ? 117.07 111.50 5.57   0.50 N 
5  1 N3    A DG 2  ? ? C2    A DG 2  ? ? N2    A DG 2  ? ? 113.14 119.90 -6.76  0.70 N 
6  1 C5    A DG 2  ? ? C6    A DG 2  ? ? O6    A DG 2  ? ? 123.84 128.60 -4.76  0.60 N 
7  1 C2    A DT 3  ? ? N3    A DT 3  ? ? C4    A DT 3  ? ? 121.68 127.20 -5.52  0.60 N 
8  1 N3    A DT 3  ? ? C4    A DT 3  ? ? C5    A DT 3  ? ? 120.95 115.20 5.75   0.60 N 
9  1 N3    A DT 3  ? ? C2    A DT 3  ? ? O2    A DT 3  ? ? 118.53 122.30 -3.77  0.60 N 
10 1 OP1   A DA 4  ? ? P     A DA 4  ? ? OP2   A DA 4  ? ? 129.60 119.60 10.00  1.50 N 
11 1 "O5'" A DA 4  ? ? "C5'" A DA 4  ? ? "C4'" A DA 4  ? ? 98.67  109.40 -10.73 0.80 N 
12 1 "O4'" A DA 4  ? ? "C4'" A DA 4  ? ? "C3'" A DA 4  ? ? 102.06 104.50 -2.44  0.40 N 
13 1 "C1'" A DA 4  ? ? "O4'" A DA 4  ? ? "C4'" A DA 4  ? ? 115.04 110.30 4.74   0.70 N 
14 1 "C3'" A DA 4  ? ? "C2'" A DA 4  ? ? "C1'" A DA 4  ? ? 110.53 102.50 8.03   1.20 N 
15 1 "O4'" A DA 4  ? ? "C1'" A DA 4  ? ? "C2'" A DA 4  ? ? 100.10 105.90 -5.80  0.80 N 
16 1 "O4'" A DG 6  ? ? "C1'" A DG 6  ? ? N9    A DG 6  ? ? 110.58 108.30 2.28   0.30 N 
17 1 C6    A DG 6  ? ? N1    A DG 6  ? ? C2    A DG 6  ? ? 119.95 125.10 -5.15  0.60 N 
18 1 N1    A DG 6  ? ? C2    A DG 6  ? ? N3    A DG 6  ? ? 128.43 123.90 4.53   0.60 N 
19 1 C5    A DG 6  ? ? C6    A DG 6  ? ? N1    A DG 6  ? ? 115.94 111.50 4.44   0.50 N 
20 1 C5    A DG 6  ? ? C6    A DG 6  ? ? O6    A DG 6  ? ? 123.33 128.60 -5.27  0.60 N 
21 1 OP1   B DG 8  ? ? P     B DG 8  ? ? OP2   B DG 8  ? ? 129.38 119.60 9.78   1.50 N 
22 1 C6    B DG 8  ? ? N1    B DG 8  ? ? C2    B DG 8  ? ? 118.61 125.10 -6.49  0.60 N 
23 1 N1    B DG 8  ? ? C2    B DG 8  ? ? N3    B DG 8  ? ? 128.59 123.90 4.69   0.60 N 
24 1 C4    B DG 8  ? ? C5    B DG 8  ? ? C6    B DG 8  ? ? 113.99 118.80 -4.81  0.60 N 
25 1 C5    B DG 8  ? ? C6    B DG 8  ? ? N1    B DG 8  ? ? 118.19 111.50 6.69   0.50 N 
26 1 C4    B DG 8  ? ? C5    B DG 8  ? ? N7    B DG 8  ? ? 115.56 110.80 4.76   0.40 N 
27 1 C5    B DG 8  ? ? N7    B DG 8  ? ? C8    B DG 8  ? ? 99.95  104.30 -4.35  0.50 N 
28 1 N9    B DG 8  ? ? C4    B DG 8  ? ? C5    B DG 8  ? ? 101.99 105.40 -3.41  0.40 N 
29 1 N3    B DG 8  ? ? C2    B DG 8  ? ? N2    B DG 8  ? ? 114.33 119.90 -5.57  0.70 N 
30 1 N1    B DG 8  ? ? C6    B DG 8  ? ? O6    B DG 8  ? ? 115.45 119.90 -4.45  0.60 N 
31 1 N1    B DT 9  ? ? C2    B DT 9  ? ? N3    B DT 9  ? ? 119.84 114.60 5.24   0.60 N 
32 1 C2    B DT 9  ? ? N3    B DT 9  ? ? C4    B DT 9  ? ? 122.09 127.20 -5.11  0.60 N 
33 1 N3    B DT 9  ? ? C4    B DT 9  ? ? O4    B DT 9  ? ? 115.27 119.90 -4.63  0.60 N 
34 1 "O5'" B DA 10 ? ? "C5'" B DA 10 ? ? "C4'" B DA 10 ? ? 100.11 109.40 -9.29  0.80 N 
35 1 "C1'" B DA 10 ? ? "O4'" B DA 10 ? ? "C4'" B DA 10 ? ? 119.77 110.30 9.47   0.70 N 
36 1 "O4'" B DA 10 ? ? "C1'" B DA 10 ? ? N9    B DA 10 ? ? 111.95 108.30 3.65   0.30 N 
37 1 C2    B DA 10 ? ? N3    B DA 10 ? ? C4    B DA 10 ? ? 104.77 110.60 -5.83  0.50 N 
38 1 C4    B DA 10 ? ? C5    B DA 10 ? ? N7    B DA 10 ? ? 114.70 110.70 4.00   0.50 N 
39 1 C5    B DA 10 ? ? N7    B DA 10 ? ? C8    B DA 10 ? ? 96.80  103.90 -7.10  0.50 N 
40 1 N7    B DA 10 ? ? C8    B DA 10 ? ? N9    B DA 10 ? ? 121.86 113.80 8.06   0.50 N 
41 1 C8    B DA 10 ? ? N9    B DA 10 ? ? C4    B DA 10 ? ? 101.41 105.80 -4.39  0.40 N 
42 1 C6    B DA 10 ? ? C5    B DA 10 ? ? N7    B DA 10 ? ? 127.10 132.30 -5.20  0.70 N 
43 1 "O5'" B DG 12 ? ? "C5'" B DG 12 ? ? "C4'" B DG 12 ? ? 104.06 109.40 -5.34  0.80 N 
44 1 P     B DG 12 ? ? "O5'" B DG 12 ? ? "C5'" B DG 12 ? ? 109.93 120.90 -10.97 1.60 N 
45 1 "O4'" B DG 12 ? ? "C1'" B DG 12 ? ? N9    B DG 12 ? ? 103.21 108.00 -4.79  0.70 N 
46 1 C6    B DG 12 ? ? N1    B DG 12 ? ? C2    B DG 12 ? ? 117.85 125.10 -7.25  0.60 N 
47 1 N1    B DG 12 ? ? C2    B DG 12 ? ? N3    B DG 12 ? ? 127.80 123.90 3.90   0.60 N 
48 1 C5    B DG 12 ? ? C6    B DG 12 ? ? N1    B DG 12 ? ? 119.17 111.50 7.67   0.50 N 
49 1 N1    B DG 12 ? ? C6    B DG 12 ? ? O6    B DG 12 ? ? 115.33 119.90 -4.57  0.60 N 
# 
loop_
_pdbx_struct_mod_residue.id 
_pdbx_struct_mod_residue.label_asym_id 
_pdbx_struct_mod_residue.label_comp_id 
_pdbx_struct_mod_residue.label_seq_id 
_pdbx_struct_mod_residue.auth_asym_id 
_pdbx_struct_mod_residue.auth_comp_id 
_pdbx_struct_mod_residue.auth_seq_id 
_pdbx_struct_mod_residue.PDB_ins_code 
_pdbx_struct_mod_residue.parent_comp_id 
_pdbx_struct_mod_residue.details 
1 A 5CM 1 A 5CM 1  ? DC ? 
2 A 5CM 5 A 5CM 5  ? DC ? 
3 B 5CM 1 B 5CM 7  ? DC ? 
4 B 5CM 5 B 5CM 11 ? DC ? 
# 
loop_
_refine_B_iso.class 
_refine_B_iso.details 
_refine_B_iso.treatment 
_refine_B_iso.pdbx_refine_id 
'ALL ATOMS'  TR isotropic 'X-RAY DIFFRACTION' 
'ALL WATERS' TR isotropic 'X-RAY DIFFRACTION' 
# 
loop_
_refine_occupancy.class 
_refine_occupancy.treatment 
_refine_occupancy.pdbx_refine_id 
'ALL ATOMS'  fix 'X-RAY DIFFRACTION' 
'ALL WATERS' fix 'X-RAY DIFFRACTION' 
# 
loop_
_chem_comp_atom.comp_id 
_chem_comp_atom.atom_id 
_chem_comp_atom.type_symbol 
_chem_comp_atom.pdbx_aromatic_flag 
_chem_comp_atom.pdbx_stereo_config 
_chem_comp_atom.pdbx_ordinal 
5CM N1     N N N 1   
5CM C2     C N N 2   
5CM N3     N N N 3   
5CM C4     C N N 4   
5CM C5     C N N 5   
5CM C5A    C N N 6   
5CM C6     C N N 7   
5CM O2     O N N 8   
5CM N4     N N N 9   
5CM "C1'"  C N R 10  
5CM "C2'"  C N N 11  
5CM "C3'"  C N S 12  
5CM "C4'"  C N R 13  
5CM "O4'"  O N N 14  
5CM "O3'"  O N N 15  
5CM "C5'"  C N N 16  
5CM "O5'"  O N N 17  
5CM P      P N N 18  
5CM OP1    O N N 19  
5CM OP2    O N N 20  
5CM OP3    O N N 21  
5CM H5A1   H N N 22  
5CM H5A2   H N N 23  
5CM H5A3   H N N 24  
5CM H6     H N N 25  
5CM HN41   H N N 26  
5CM HN42   H N N 27  
5CM "H1'"  H N N 28  
5CM "H2'"  H N N 29  
5CM "H2''" H N N 30  
5CM "H3'"  H N N 31  
5CM "H4'"  H N N 32  
5CM "HO3'" H N N 33  
5CM "H5'"  H N N 34  
5CM "H5''" H N N 35  
5CM HOP2   H N N 36  
5CM HOP3   H N N 37  
DA  OP3    O N N 38  
DA  P      P N N 39  
DA  OP1    O N N 40  
DA  OP2    O N N 41  
DA  "O5'"  O N N 42  
DA  "C5'"  C N N 43  
DA  "C4'"  C N R 44  
DA  "O4'"  O N N 45  
DA  "C3'"  C N S 46  
DA  "O3'"  O N N 47  
DA  "C2'"  C N N 48  
DA  "C1'"  C N R 49  
DA  N9     N Y N 50  
DA  C8     C Y N 51  
DA  N7     N Y N 52  
DA  C5     C Y N 53  
DA  C6     C Y N 54  
DA  N6     N N N 55  
DA  N1     N Y N 56  
DA  C2     C Y N 57  
DA  N3     N Y N 58  
DA  C4     C Y N 59  
DA  HOP3   H N N 60  
DA  HOP2   H N N 61  
DA  "H5'"  H N N 62  
DA  "H5''" H N N 63  
DA  "H4'"  H N N 64  
DA  "H3'"  H N N 65  
DA  "HO3'" H N N 66  
DA  "H2'"  H N N 67  
DA  "H2''" H N N 68  
DA  "H1'"  H N N 69  
DA  H8     H N N 70  
DA  H61    H N N 71  
DA  H62    H N N 72  
DA  H2     H N N 73  
DG  OP3    O N N 74  
DG  P      P N N 75  
DG  OP1    O N N 76  
DG  OP2    O N N 77  
DG  "O5'"  O N N 78  
DG  "C5'"  C N N 79  
DG  "C4'"  C N R 80  
DG  "O4'"  O N N 81  
DG  "C3'"  C N S 82  
DG  "O3'"  O N N 83  
DG  "C2'"  C N N 84  
DG  "C1'"  C N R 85  
DG  N9     N Y N 86  
DG  C8     C Y N 87  
DG  N7     N Y N 88  
DG  C5     C Y N 89  
DG  C6     C N N 90  
DG  O6     O N N 91  
DG  N1     N N N 92  
DG  C2     C N N 93  
DG  N2     N N N 94  
DG  N3     N N N 95  
DG  C4     C Y N 96  
DG  HOP3   H N N 97  
DG  HOP2   H N N 98  
DG  "H5'"  H N N 99  
DG  "H5''" H N N 100 
DG  "H4'"  H N N 101 
DG  "H3'"  H N N 102 
DG  "HO3'" H N N 103 
DG  "H2'"  H N N 104 
DG  "H2''" H N N 105 
DG  "H1'"  H N N 106 
DG  H8     H N N 107 
DG  H1     H N N 108 
DG  H21    H N N 109 
DG  H22    H N N 110 
DT  OP3    O N N 111 
DT  P      P N N 112 
DT  OP1    O N N 113 
DT  OP2    O N N 114 
DT  "O5'"  O N N 115 
DT  "C5'"  C N N 116 
DT  "C4'"  C N R 117 
DT  "O4'"  O N N 118 
DT  "C3'"  C N S 119 
DT  "O3'"  O N N 120 
DT  "C2'"  C N N 121 
DT  "C1'"  C N R 122 
DT  N1     N N N 123 
DT  C2     C N N 124 
DT  O2     O N N 125 
DT  N3     N N N 126 
DT  C4     C N N 127 
DT  O4     O N N 128 
DT  C5     C N N 129 
DT  C7     C N N 130 
DT  C6     C N N 131 
DT  HOP3   H N N 132 
DT  HOP2   H N N 133 
DT  "H5'"  H N N 134 
DT  "H5''" H N N 135 
DT  "H4'"  H N N 136 
DT  "H3'"  H N N 137 
DT  "HO3'" H N N 138 
DT  "H2'"  H N N 139 
DT  "H2''" H N N 140 
DT  "H1'"  H N N 141 
DT  H3     H N N 142 
DT  H71    H N N 143 
DT  H72    H N N 144 
DT  H73    H N N 145 
DT  H6     H N N 146 
# 
loop_
_chem_comp_bond.comp_id 
_chem_comp_bond.atom_id_1 
_chem_comp_bond.atom_id_2 
_chem_comp_bond.value_order 
_chem_comp_bond.pdbx_aromatic_flag 
_chem_comp_bond.pdbx_stereo_config 
_chem_comp_bond.pdbx_ordinal 
5CM N1    C2     sing N N 1   
5CM N1    C6     sing N N 2   
5CM N1    "C1'"  sing N N 3   
5CM C2    N3     sing N N 4   
5CM C2    O2     doub N N 5   
5CM N3    C4     doub N N 6   
5CM C4    C5     sing N N 7   
5CM C4    N4     sing N N 8   
5CM C5    C5A    sing N N 9   
5CM C5    C6     doub N N 10  
5CM C5A   H5A1   sing N N 11  
5CM C5A   H5A2   sing N N 12  
5CM C5A   H5A3   sing N N 13  
5CM C6    H6     sing N N 14  
5CM N4    HN41   sing N N 15  
5CM N4    HN42   sing N N 16  
5CM "C1'" "C2'"  sing N N 17  
5CM "C1'" "O4'"  sing N N 18  
5CM "C1'" "H1'"  sing N N 19  
5CM "C2'" "C3'"  sing N N 20  
5CM "C2'" "H2'"  sing N N 21  
5CM "C2'" "H2''" sing N N 22  
5CM "C3'" "C4'"  sing N N 23  
5CM "C3'" "O3'"  sing N N 24  
5CM "C3'" "H3'"  sing N N 25  
5CM "C4'" "O4'"  sing N N 26  
5CM "C4'" "C5'"  sing N N 27  
5CM "C4'" "H4'"  sing N N 28  
5CM "O3'" "HO3'" sing N N 29  
5CM "C5'" "O5'"  sing N N 30  
5CM "C5'" "H5'"  sing N N 31  
5CM "C5'" "H5''" sing N N 32  
5CM "O5'" P      sing N N 33  
5CM P     OP1    doub N N 34  
5CM P     OP2    sing N N 35  
5CM P     OP3    sing N N 36  
5CM OP2   HOP2   sing N N 37  
5CM OP3   HOP3   sing N N 38  
DA  OP3   P      sing N N 39  
DA  OP3   HOP3   sing N N 40  
DA  P     OP1    doub N N 41  
DA  P     OP2    sing N N 42  
DA  P     "O5'"  sing N N 43  
DA  OP2   HOP2   sing N N 44  
DA  "O5'" "C5'"  sing N N 45  
DA  "C5'" "C4'"  sing N N 46  
DA  "C5'" "H5'"  sing N N 47  
DA  "C5'" "H5''" sing N N 48  
DA  "C4'" "O4'"  sing N N 49  
DA  "C4'" "C3'"  sing N N 50  
DA  "C4'" "H4'"  sing N N 51  
DA  "O4'" "C1'"  sing N N 52  
DA  "C3'" "O3'"  sing N N 53  
DA  "C3'" "C2'"  sing N N 54  
DA  "C3'" "H3'"  sing N N 55  
DA  "O3'" "HO3'" sing N N 56  
DA  "C2'" "C1'"  sing N N 57  
DA  "C2'" "H2'"  sing N N 58  
DA  "C2'" "H2''" sing N N 59  
DA  "C1'" N9     sing N N 60  
DA  "C1'" "H1'"  sing N N 61  
DA  N9    C8     sing Y N 62  
DA  N9    C4     sing Y N 63  
DA  C8    N7     doub Y N 64  
DA  C8    H8     sing N N 65  
DA  N7    C5     sing Y N 66  
DA  C5    C6     sing Y N 67  
DA  C5    C4     doub Y N 68  
DA  C6    N6     sing N N 69  
DA  C6    N1     doub Y N 70  
DA  N6    H61    sing N N 71  
DA  N6    H62    sing N N 72  
DA  N1    C2     sing Y N 73  
DA  C2    N3     doub Y N 74  
DA  C2    H2     sing N N 75  
DA  N3    C4     sing Y N 76  
DG  OP3   P      sing N N 77  
DG  OP3   HOP3   sing N N 78  
DG  P     OP1    doub N N 79  
DG  P     OP2    sing N N 80  
DG  P     "O5'"  sing N N 81  
DG  OP2   HOP2   sing N N 82  
DG  "O5'" "C5'"  sing N N 83  
DG  "C5'" "C4'"  sing N N 84  
DG  "C5'" "H5'"  sing N N 85  
DG  "C5'" "H5''" sing N N 86  
DG  "C4'" "O4'"  sing N N 87  
DG  "C4'" "C3'"  sing N N 88  
DG  "C4'" "H4'"  sing N N 89  
DG  "O4'" "C1'"  sing N N 90  
DG  "C3'" "O3'"  sing N N 91  
DG  "C3'" "C2'"  sing N N 92  
DG  "C3'" "H3'"  sing N N 93  
DG  "O3'" "HO3'" sing N N 94  
DG  "C2'" "C1'"  sing N N 95  
DG  "C2'" "H2'"  sing N N 96  
DG  "C2'" "H2''" sing N N 97  
DG  "C1'" N9     sing N N 98  
DG  "C1'" "H1'"  sing N N 99  
DG  N9    C8     sing Y N 100 
DG  N9    C4     sing Y N 101 
DG  C8    N7     doub Y N 102 
DG  C8    H8     sing N N 103 
DG  N7    C5     sing Y N 104 
DG  C5    C6     sing N N 105 
DG  C5    C4     doub Y N 106 
DG  C6    O6     doub N N 107 
DG  C6    N1     sing N N 108 
DG  N1    C2     sing N N 109 
DG  N1    H1     sing N N 110 
DG  C2    N2     sing N N 111 
DG  C2    N3     doub N N 112 
DG  N2    H21    sing N N 113 
DG  N2    H22    sing N N 114 
DG  N3    C4     sing N N 115 
DT  OP3   P      sing N N 116 
DT  OP3   HOP3   sing N N 117 
DT  P     OP1    doub N N 118 
DT  P     OP2    sing N N 119 
DT  P     "O5'"  sing N N 120 
DT  OP2   HOP2   sing N N 121 
DT  "O5'" "C5'"  sing N N 122 
DT  "C5'" "C4'"  sing N N 123 
DT  "C5'" "H5'"  sing N N 124 
DT  "C5'" "H5''" sing N N 125 
DT  "C4'" "O4'"  sing N N 126 
DT  "C4'" "C3'"  sing N N 127 
DT  "C4'" "H4'"  sing N N 128 
DT  "O4'" "C1'"  sing N N 129 
DT  "C3'" "O3'"  sing N N 130 
DT  "C3'" "C2'"  sing N N 131 
DT  "C3'" "H3'"  sing N N 132 
DT  "O3'" "HO3'" sing N N 133 
DT  "C2'" "C1'"  sing N N 134 
DT  "C2'" "H2'"  sing N N 135 
DT  "C2'" "H2''" sing N N 136 
DT  "C1'" N1     sing N N 137 
DT  "C1'" "H1'"  sing N N 138 
DT  N1    C2     sing N N 139 
DT  N1    C6     sing N N 140 
DT  C2    O2     doub N N 141 
DT  C2    N3     sing N N 142 
DT  N3    C4     sing N N 143 
DT  N3    H3     sing N N 144 
DT  C4    O4     doub N N 145 
DT  C4    C5     sing N N 146 
DT  C5    C7     sing N N 147 
DT  C5    C6     doub N N 148 
DT  C7    H71    sing N N 149 
DT  C7    H72    sing N N 150 
DT  C7    H73    sing N N 151 
DT  C6    H6     sing N N 152 
# 
loop_
_ndb_struct_conf_na.entry_id 
_ndb_struct_conf_na.feature 
1VTW 'z-form double helix' 
1VTW 'internal loop'       
# 
loop_
_ndb_struct_na_base_pair.model_number 
_ndb_struct_na_base_pair.i_label_asym_id 
_ndb_struct_na_base_pair.i_label_comp_id 
_ndb_struct_na_base_pair.i_label_seq_id 
_ndb_struct_na_base_pair.i_symmetry 
_ndb_struct_na_base_pair.j_label_asym_id 
_ndb_struct_na_base_pair.j_label_comp_id 
_ndb_struct_na_base_pair.j_label_seq_id 
_ndb_struct_na_base_pair.j_symmetry 
_ndb_struct_na_base_pair.shear 
_ndb_struct_na_base_pair.stretch 
_ndb_struct_na_base_pair.stagger 
_ndb_struct_na_base_pair.buckle 
_ndb_struct_na_base_pair.propeller 
_ndb_struct_na_base_pair.opening 
_ndb_struct_na_base_pair.pair_number 
_ndb_struct_na_base_pair.pair_name 
_ndb_struct_na_base_pair.i_auth_asym_id 
_ndb_struct_na_base_pair.i_auth_seq_id 
_ndb_struct_na_base_pair.i_PDB_ins_code 
_ndb_struct_na_base_pair.j_auth_asym_id 
_ndb_struct_na_base_pair.j_auth_seq_id 
_ndb_struct_na_base_pair.j_PDB_ins_code 
_ndb_struct_na_base_pair.hbond_type_28 
_ndb_struct_na_base_pair.hbond_type_12 
1 A 5CM 1 1_555 B DG  6 1_555 -0.312 -0.122 -0.012 7.169   -1.265 1.006  1 A_5CM1:DG12_B A 1 ? B 12 ? 19 1 
1 A DG  2 1_555 B 5CM 5 1_555 0.180  -0.189 0.226  -10.855 0.436  2.163  2 A_DG2:5CM11_B A 2 ? B 11 ? 19 1 
1 A 5CM 5 1_555 B DG  2 1_555 -0.384 -0.138 0.092  3.811   -2.888 -0.652 3 A_5CM5:DG8_B  A 5 ? B 8  ? 19 1 
1 A DG  6 1_555 B 5CM 1 1_555 0.189  -0.111 0.103  -4.536  0.057  3.001  4 A_DG6:5CM7_B  A 6 ? B 7  ? 19 1 
# 
loop_
_ndb_struct_na_base_pair_step.model_number 
_ndb_struct_na_base_pair_step.i_label_asym_id_1 
_ndb_struct_na_base_pair_step.i_label_comp_id_1 
_ndb_struct_na_base_pair_step.i_label_seq_id_1 
_ndb_struct_na_base_pair_step.i_symmetry_1 
_ndb_struct_na_base_pair_step.j_label_asym_id_1 
_ndb_struct_na_base_pair_step.j_label_comp_id_1 
_ndb_struct_na_base_pair_step.j_label_seq_id_1 
_ndb_struct_na_base_pair_step.j_symmetry_1 
_ndb_struct_na_base_pair_step.i_label_asym_id_2 
_ndb_struct_na_base_pair_step.i_label_comp_id_2 
_ndb_struct_na_base_pair_step.i_label_seq_id_2 
_ndb_struct_na_base_pair_step.i_symmetry_2 
_ndb_struct_na_base_pair_step.j_label_asym_id_2 
_ndb_struct_na_base_pair_step.j_label_comp_id_2 
_ndb_struct_na_base_pair_step.j_label_seq_id_2 
_ndb_struct_na_base_pair_step.j_symmetry_2 
_ndb_struct_na_base_pair_step.shift 
_ndb_struct_na_base_pair_step.slide 
_ndb_struct_na_base_pair_step.rise 
_ndb_struct_na_base_pair_step.tilt 
_ndb_struct_na_base_pair_step.roll 
_ndb_struct_na_base_pair_step.twist 
_ndb_struct_na_base_pair_step.x_displacement 
_ndb_struct_na_base_pair_step.y_displacement 
_ndb_struct_na_base_pair_step.helical_rise 
_ndb_struct_na_base_pair_step.inclination 
_ndb_struct_na_base_pair_step.tip 
_ndb_struct_na_base_pair_step.helical_twist 
_ndb_struct_na_base_pair_step.step_number 
_ndb_struct_na_base_pair_step.step_name 
_ndb_struct_na_base_pair_step.i_auth_asym_id_1 
_ndb_struct_na_base_pair_step.i_auth_seq_id_1 
_ndb_struct_na_base_pair_step.i_PDB_ins_code_1 
_ndb_struct_na_base_pair_step.j_auth_asym_id_1 
_ndb_struct_na_base_pair_step.j_auth_seq_id_1 
_ndb_struct_na_base_pair_step.j_PDB_ins_code_1 
_ndb_struct_na_base_pair_step.i_auth_asym_id_2 
_ndb_struct_na_base_pair_step.i_auth_seq_id_2 
_ndb_struct_na_base_pair_step.i_PDB_ins_code_2 
_ndb_struct_na_base_pair_step.j_auth_asym_id_2 
_ndb_struct_na_base_pair_step.j_auth_seq_id_2 
_ndb_struct_na_base_pair_step.j_PDB_ins_code_2 
1 A 5CM 1 1_555 B DG 6 1_555 A DG 2 1_555 B 5CM 5 1_555 -0.017 5.986 4.079 0.376  0.586 -13.319 -26.518 0.403  3.812 -2.525 1.618  
-13.337 1 AA_5CM1DG2:5CM11DG12_BB A 1 ? B 12 ? A 2 ? B 11 ? 
1 A 5CM 5 1_555 B DG 2 1_555 A DG 6 1_555 B 5CM 1 1_555 0.180  5.624 3.761 -0.629 0.232 -12.002 -27.199 -0.065 3.656 -1.108 -3.003 
-12.020 2 AA_5CM5DG6:5CM7DG8_BB   A 5 ? B 8  ? A 6 ? B 7  ? 
# 
_atom_sites.entry_id                    1VTW 
_atom_sites.fract_transf_matrix[1][1]   0.04437118 
_atom_sites.fract_transf_matrix[1][2]   -0.02864864 
_atom_sites.fract_transf_matrix[1][3]   0.01811081 
_atom_sites.fract_transf_matrix[2][1]   0.00680554 
_atom_sites.fract_transf_matrix[2][2]   -0.00897544 
_atom_sites.fract_transf_matrix[2][3]   -0.03087130 
_atom_sites.fract_transf_matrix[3][1]   0.01269138 
_atom_sites.fract_transf_matrix[3][2]   0.01809871 
_atom_sites.fract_transf_matrix[3][3]   -0.00246417 
_atom_sites.fract_transf_vector[1]      0.714910 
_atom_sites.fract_transf_vector[2]      0.492324 
_atom_sites.fract_transf_vector[3]      0.129872 
# 
loop_
_atom_type.symbol 
C 
N 
O 
P 
# 
loop_
_atom_site.group_PDB 
_atom_site.id 
_atom_site.type_symbol 
_atom_site.label_atom_id 
_atom_site.label_alt_id 
_atom_site.label_comp_id 
_atom_site.label_asym_id 
_atom_site.label_entity_id 
_atom_site.label_seq_id 
_atom_site.pdbx_PDB_ins_code 
_atom_site.Cartn_x 
_atom_site.Cartn_y 
_atom_site.Cartn_z 
_atom_site.occupancy 
_atom_site.B_iso_or_equiv 
_atom_site.pdbx_formal_charge 
_atom_site.auth_seq_id 
_atom_site.auth_comp_id 
_atom_site.auth_asym_id 
_atom_site.auth_atom_id 
_atom_site.pdbx_PDB_model_num 
HETATM 1   N N1    . 5CM A 1 1 ? -6.631  -6.069  2.791  1.00 6.30  ? 1  5CM A N1    1 
HETATM 2   C C2    . 5CM A 1 1 ? -5.676  -6.996  3.048  1.00 6.70  ? 1  5CM A C2    1 
HETATM 3   N N3    . 5CM A 1 1 ? -5.380  -7.176  4.384  1.00 5.60  ? 1  5CM A N3    1 
HETATM 4   C C4    . 5CM A 1 1 ? -6.015  -6.459  5.373  1.00 6.10  ? 1  5CM A C4    1 
HETATM 5   C C5    . 5CM A 1 1 ? -7.032  -5.527  5.030  1.00 5.40  ? 1  5CM A C5    1 
HETATM 6   C C5A   . 5CM A 1 1 ? -7.784  -4.751  6.125  1.00 5.20  ? 1  5CM A C5A   1 
HETATM 7   C C6    . 5CM A 1 1 ? -7.291  -5.329  3.730  1.00 5.20  ? 1  5CM A C6    1 
HETATM 8   O O2    . 5CM A 1 1 ? -5.107  -7.619  2.176  1.00 6.50  ? 1  5CM A O2    1 
HETATM 9   N N4    . 5CM A 1 1 ? -5.671  -6.788  6.633  1.00 5.50  ? 1  5CM A N4    1 
HETATM 10  C "C1'" . 5CM A 1 1 ? -6.926  -5.841  1.280  1.00 6.60  ? 1  5CM A "C1'" 1 
HETATM 11  C "C2'" . 5CM A 1 1 ? -8.132  -6.778  0.859  1.00 8.10  ? 1  5CM A "C2'" 1 
HETATM 12  C "C3'" . 5CM A 1 1 ? -8.568  -6.005  -0.379 1.00 9.40  ? 1  5CM A "C3'" 1 
HETATM 13  C "C4'" . 5CM A 1 1 ? -8.311  -4.499  -0.008 1.00 7.70  ? 1  5CM A "C4'" 1 
HETATM 14  O "O4'" . 5CM A 1 1 ? -7.372  -4.559  1.058  1.00 6.40  ? 1  5CM A "O4'" 1 
HETATM 15  O "O3'" . 5CM A 1 1 ? -7.664  -6.380  -1.453 1.00 12.00 ? 1  5CM A "O3'" 1 
HETATM 16  C "C5'" . 5CM A 1 1 ? -9.461  -3.678  0.378  1.00 8.70  ? 1  5CM A "C5'" 1 
HETATM 17  O "O5'" . 5CM A 1 1 ? -10.214 -4.487  1.432  1.00 10.50 ? 1  5CM A "O5'" 1 
ATOM   18  P P     . DG  A 1 2 ? -8.218  -6.540  -2.957 1.00 13.90 ? 2  DG  A P     1 
ATOM   19  O OP1   . DG  A 1 2 ? -9.626  -6.847  -2.926 1.00 15.40 ? 2  DG  A OP1   1 
ATOM   20  O OP2   . DG  A 1 2 ? -7.154  -7.080  -3.638 1.00 15.90 ? 2  DG  A OP2   1 
ATOM   21  O "O5'" . DG  A 1 2 ? -8.385  -5.008  -3.476 1.00 12.10 ? 2  DG  A "O5'" 1 
ATOM   22  C "C5'" . DG  A 1 2 ? -7.306  -4.294  -3.685 1.00 11.00 ? 2  DG  A "C5'" 1 
ATOM   23  C "C4'" . DG  A 1 2 ? -7.736  -2.856  -4.019 1.00 10.40 ? 2  DG  A "C4'" 1 
ATOM   24  O "O4'" . DG  A 1 2 ? -8.479  -2.242  -2.966 1.00 9.50  ? 2  DG  A "O4'" 1 
ATOM   25  C "C3'" . DG  A 1 2 ? -6.455  -1.880  -4.172 1.00 10.90 ? 2  DG  A "C3'" 1 
ATOM   26  O "O3'" . DG  A 1 2 ? -6.121  -2.065  -5.594 1.00 12.90 ? 2  DG  A "O3'" 1 
ATOM   27  C "C2'" . DG  A 1 2 ? -6.891  -0.616  -3.743 1.00 9.50  ? 2  DG  A "C2'" 1 
ATOM   28  C "C1'" . DG  A 1 2 ? -8.111  -0.918  -2.787 1.00 9.50  ? 2  DG  A "C1'" 1 
ATOM   29  N N9    . DG  A 1 2 ? -7.847  -0.794  -1.378 1.00 8.90  ? 2  DG  A N9    1 
ATOM   30  C C8    . DG  A 1 2 ? -8.645  -0.074  -0.526 1.00 8.80  ? 2  DG  A C8    1 
ATOM   31  N N7    . DG  A 1 2 ? -8.225  -0.104  0.735  1.00 8.80  ? 2  DG  A N7    1 
ATOM   32  C C5    . DG  A 1 2 ? -7.145  -0.917  0.688  1.00 9.00  ? 2  DG  A C5    1 
ATOM   33  C C6    . DG  A 1 2 ? -6.252  -1.459  1.707  1.00 8.40  ? 2  DG  A C6    1 
ATOM   34  O O6    . DG  A 1 2 ? -6.335  -1.177  2.947  1.00 8.80  ? 2  DG  A O6    1 
ATOM   35  N N1    . DG  A 1 2 ? -5.269  -2.272  1.288  1.00 7.80  ? 2  DG  A N1    1 
ATOM   36  C C2    . DG  A 1 2 ? -5.167  -2.656  0.019  1.00 7.80  ? 2  DG  A C2    1 
ATOM   37  N N2    . DG  A 1 2 ? -4.270  -3.457  -0.353 1.00 8.00  ? 2  DG  A N2    1 
ATOM   38  N N3    . DG  A 1 2 ? -5.940  -2.203  -1.008 1.00 8.20  ? 2  DG  A N3    1 
ATOM   39  C C4    . DG  A 1 2 ? -6.896  -1.371  -0.587 1.00 8.70  ? 2  DG  A C4    1 
ATOM   40  P P     . DT  A 1 3 ? -4.656  -2.635  -6.044 1.00 14.60 ? 3  DT  A P     1 
ATOM   41  O OP1   . DT  A 1 3 ? -4.599  -2.421  -7.509 1.00 15.90 ? 3  DT  A OP1   1 
ATOM   42  O OP2   . DT  A 1 3 ? -4.367  -4.032  -5.611 1.00 14.80 ? 3  DT  A OP2   1 
ATOM   43  O "O5'" . DT  A 1 3 ? -3.739  -1.481  -5.430 1.00 10.60 ? 3  DT  A "O5'" 1 
ATOM   44  C "C5'" . DT  A 1 3 ? -2.487  -1.040  -6.050 1.00 11.00 ? 3  DT  A "C5'" 1 
ATOM   45  C "C4'" . DT  A 1 3 ? -1.377  -1.370  -5.116 1.00 10.50 ? 3  DT  A "C4'" 1 
ATOM   46  O "O4'" . DT  A 1 3 ? -1.607  -0.398  -3.988 1.00 8.50  ? 3  DT  A "O4'" 1 
ATOM   47  C "C3'" . DT  A 1 3 ? -1.467  -2.778  -4.435 1.00 9.70  ? 3  DT  A "C3'" 1 
ATOM   48  O "O3'" . DT  A 1 3 ? -0.178  -3.142  -4.197 1.00 12.00 ? 3  DT  A "O3'" 1 
ATOM   49  C "C2'" . DT  A 1 3 ? -1.993  -2.482  -2.979 1.00 7.90  ? 3  DT  A "C2'" 1 
ATOM   50  C "C1'" . DT  A 1 3 ? -1.503  -1.053  -2.749 1.00 8.30  ? 3  DT  A "C1'" 1 
ATOM   51  N N1    . DT  A 1 3 ? -2.407  -0.289  -1.793 1.00 7.50  ? 3  DT  A N1    1 
ATOM   52  C C2    . DT  A 1 3 ? -2.114  -0.565  -0.476 1.00 7.70  ? 3  DT  A C2    1 
ATOM   53  O O2    . DT  A 1 3 ? -1.260  -1.300  -0.096 1.00 8.00  ? 3  DT  A O2    1 
ATOM   54  N N3    . DT  A 1 3 ? -2.929  0.042   0.464  1.00 8.00  ? 3  DT  A N3    1 
ATOM   55  C C4    . DT  A 1 3 ? -3.968  0.900   0.089  1.00 7.80  ? 3  DT  A C4    1 
ATOM   56  O O4    . DT  A 1 3 ? -4.680  1.414   1.007  1.00 8.00  ? 3  DT  A O4    1 
ATOM   57  C C5    . DT  A 1 3 ? -4.231  1.179   -1.288 1.00 7.30  ? 3  DT  A C5    1 
ATOM   58  C C7    . DT  A 1 3 ? -5.336  2.096   -1.711 1.00 7.80  ? 3  DT  A C7    1 
ATOM   59  C C6    . DT  A 1 3 ? -3.450  0.515   -2.189 1.00 7.40  ? 3  DT  A C6    1 
ATOM   60  P P     . DA  A 1 4 ? 0.798   -3.973  -5.195 1.00 13.60 ? 4  DA  A P     1 
ATOM   61  O OP1   . DA  A 1 4 ? -0.059  -4.866  -5.905 1.00 15.10 ? 4  DA  A OP1   1 
ATOM   62  O OP2   . DA  A 1 4 ? 2.019   -4.246  -4.480 1.00 14.80 ? 4  DA  A OP2   1 
ATOM   63  O "O5'" . DA  A 1 4 ? 1.191   -2.894  -6.413 1.00 12.10 ? 4  DA  A "O5'" 1 
ATOM   64  C "C5'" . DA  A 1 4 ? 2.158   -1.884  -6.014 1.00 10.40 ? 4  DA  A "C5'" 1 
ATOM   65  C "C4'" . DA  A 1 4 ? 2.149   -1.007  -7.340 1.00 8.30  ? 4  DA  A "C4'" 1 
ATOM   66  O "O4'" . DA  A 1 4 ? 0.856   -0.429  -7.515 1.00 8.50  ? 4  DA  A "O4'" 1 
ATOM   67  C "C3'" . DA  A 1 4 ? 3.045   0.254   -7.136 1.00 7.40  ? 4  DA  A "C3'" 1 
ATOM   68  O "O3'" . DA  A 1 4 ? 4.253   -0.254  -7.769 1.00 9.30  ? 4  DA  A "O3'" 1 
ATOM   69  C "C2'" . DA  A 1 4 ? 2.369   1.269   -7.866 1.00 7.40  ? 4  DA  A "C2'" 1 
ATOM   70  C "C1'" . DA  A 1 4 ? 0.856   0.953   -7.962 1.00 7.30  ? 4  DA  A "C1'" 1 
ATOM   71  N N9    . DA  A 1 4 ? -0.028  1.702   -7.095 1.00 6.70  ? 4  DA  A N9    1 
ATOM   72  C C8    . DA  A 1 4 ? -1.170  2.190   -7.489 1.00 6.60  ? 4  DA  A C8    1 
ATOM   73  N N7    . DA  A 1 4 ? -1.870  2.800   -6.534 1.00 7.20  ? 4  DA  A N7    1 
ATOM   74  C C5    . DA  A 1 4 ? -1.091  2.623   -5.430 1.00 6.40  ? 4  DA  A C5    1 
ATOM   75  C C6    . DA  A 1 4 ? -1.297  2.959   -4.071 1.00 6.50  ? 4  DA  A C6    1 
ATOM   76  N N6    . DA  A 1 4 ? -2.369  3.619   -3.605 1.00 6.80  ? 4  DA  A N6    1 
ATOM   77  N N1    . DA  A 1 4 ? -0.325  2.579   -3.198 1.00 6.50  ? 4  DA  A N1    1 
ATOM   78  C C2    . DA  A 1 4 ? 0.707   1.868   -3.629 1.00 7.10  ? 4  DA  A C2    1 
ATOM   79  N N3    . DA  A 1 4 ? 0.976   1.509   -4.884 1.00 6.10  ? 4  DA  A N3    1 
ATOM   80  C C4    . DA  A 1 4 ? 0.017   1.925   -5.709 1.00 6.50  ? 4  DA  A C4    1 
HETATM 81  N N1    . 5CM A 1 5 ? 3.724   4.174   -4.068 1.00 5.60  ? 5  5CM A N1    1 
HETATM 82  C C2    . 5CM A 1 5 ? 2.930   4.694   -3.005 1.00 5.50  ? 5  5CM A C2    1 
HETATM 83  N N3    . 5CM A 1 5 ? 1.764   5.268   -3.325 1.00 5.10  ? 5  5CM A N3    1 
HETATM 84  C C4    . 5CM A 1 5 ? 1.328   5.379   -4.635 1.00 5.00  ? 5  5CM A C4    1 
HETATM 85  C C5    . 5CM A 1 5 ? 2.151   4.896   -5.691 1.00 4.20  ? 5  5CM A C5    1 
HETATM 86  C C5A   . 5CM A 1 5 ? 1.741   5.045   -7.114 1.00 5.20  ? 5  5CM A C5A   1 
HETATM 87  C C6    . 5CM A 1 5 ? 3.320   4.282   -5.387 1.00 4.50  ? 5  5CM A C6    1 
HETATM 88  O O2    . 5CM A 1 5 ? 3.347   4.552   -1.852 1.00 6.20  ? 5  5CM A O2    1 
HETATM 89  N N4    . 5CM A 1 5 ? 0.172   6.030   -4.830 1.00 5.00  ? 5  5CM A N4    1 
HETATM 90  C "C1'" . 5CM A 1 5 ? 4.985   3.501   -3.650 1.00 5.30  ? 5  5CM A "C1'" 1 
HETATM 91  C "C2'" . 5CM A 1 5 ? 4.717   2.002   -3.377 1.00 6.30  ? 5  5CM A "C2'" 1 
HETATM 92  C "C3'" . 5CM A 1 5 ? 6.120   1.461   -3.655 1.00 7.40  ? 5  5CM A "C3'" 1 
HETATM 93  C "C4'" . 5CM A 1 5 ? 6.770   2.448   -4.670 1.00 6.90  ? 5  5CM A "C4'" 1 
HETATM 94  O "O4'" . 5CM A 1 5 ? 5.845   3.493   -4.796 1.00 5.40  ? 5  5CM A "O4'" 1 
HETATM 95  O "O3'" . 5CM A 1 5 ? 6.864   1.717   -2.412 1.00 8.90  ? 5  5CM A "O3'" 1 
HETATM 96  C "C5'" . 5CM A 1 5 ? 6.965   1.855   -6.067 1.00 7.10  ? 5  5CM A "C5'" 1 
HETATM 97  O "O5'" . 5CM A 1 5 ? 5.754   1.098   -6.302 1.00 9.00  ? 5  5CM A "O5'" 1 
HETATM 98  P P     . 5CM A 1 5 ? 5.607   0.582   -7.846 1.00 12.20 ? 5  5CM A P     1 
HETATM 99  O OP1   . 5CM A 1 5 ? 5.354   1.792   -8.614 1.00 14.20 ? 5  5CM A OP1   1 
HETATM 100 O OP2   . 5CM A 1 5 ? 6.593   -0.355  -8.151 1.00 13.80 ? 5  5CM A OP2   1 
ATOM   101 P P     . DG  A 1 6 ? 8.105   0.871   -1.948 1.00 10.00 ? 6  DG  A P     1 
ATOM   102 O OP1   . DG  A 1 6 ? 7.821   -0.480  -2.210 1.00 9.50  ? 6  DG  A OP1   1 
ATOM   103 O OP2   . DG  A 1 6 ? 8.477   1.496   -0.678 1.00 10.60 ? 6  DG  A OP2   1 
ATOM   104 O "O5'" . DG  A 1 6 ? 9.393   1.190   -2.994 1.00 7.20  ? 6  DG  A "O5'" 1 
ATOM   105 C "C5'" . DG  A 1 6 ? 10.121  2.301   -2.777 1.00 6.30  ? 6  DG  A "C5'" 1 
ATOM   106 C "C4'" . DG  A 1 6 ? 11.148  2.313   -3.854 1.00 6.50  ? 6  DG  A "C4'" 1 
ATOM   107 O "O4'" . DG  A 1 6 ? 10.522  2.443   -5.102 1.00 5.90  ? 6  DG  A "O4'" 1 
ATOM   108 C "C3'" . DG  A 1 6 ? 12.201  3.481   -3.770 1.00 6.90  ? 6  DG  A "C3'" 1 
ATOM   109 O "O3'" . DG  A 1 6 ? 13.478  3.039   -4.289 1.00 8.60  ? 6  DG  A "O3'" 1 
ATOM   110 C "C2'" . DG  A 1 6 ? 11.743  4.526   -4.742 1.00 6.80  ? 6  DG  A "C2'" 1 
ATOM   111 C "C1'" . DG  A 1 6 ? 10.944  3.649   -5.761 1.00 6.10  ? 6  DG  A "C1'" 1 
ATOM   112 N N9    . DG  A 1 6 ? 9.825   4.314   -6.359 1.00 6.60  ? 6  DG  A N9    1 
ATOM   113 C C8    . DG  A 1 6 ? 9.531   4.363   -7.673 1.00 5.20  ? 6  DG  A C8    1 
ATOM   114 N N7    . DG  A 1 6 ? 8.430   4.980   -7.916 1.00 6.20  ? 6  DG  A N7    1 
ATOM   115 C C5    . DG  A 1 6 ? 7.990   5.412   -6.645 1.00 5.60  ? 6  DG  A C5    1 
ATOM   116 C C6    . DG  A 1 6 ? 6.889   6.247   -6.227 1.00 6.20  ? 6  DG  A C6    1 
ATOM   117 O O6    . DG  A 1 6 ? 5.981   6.638   -7.008 1.00 6.40  ? 6  DG  A O6    1 
ATOM   118 N N1    . DG  A 1 6 ? 6.762   6.433   -4.901 1.00 5.00  ? 6  DG  A N1    1 
ATOM   119 C C2    . DG  A 1 6 ? 7.681   5.910   -4.053 1.00 4.90  ? 6  DG  A C2    1 
ATOM   120 N N2    . DG  A 1 6 ? 7.487   6.184   -2.793 1.00 5.90  ? 6  DG  A N2    1 
ATOM   121 N N3    . DG  A 1 6 ? 8.751   5.209   -4.343 1.00 4.60  ? 6  DG  A N3    1 
ATOM   122 C C4    . DG  A 1 6 ? 8.840   5.012   -5.688 1.00 5.90  ? 6  DG  A C4    1 
HETATM 123 N N1    . 5CM B 1 1 ? 3.009   8.582   -2.201 1.00 5.20  ? 7  5CM B N1    1 
HETATM 124 C C2    . 5CM B 1 1 ? 4.144   7.952   -2.641 1.00 5.40  ? 7  5CM B C2    1 
HETATM 125 N N3    . 5CM B 1 1 ? 4.295   7.763   -4.024 1.00 5.50  ? 7  5CM B N3    1 
HETATM 126 C C4    . 5CM B 1 1 ? 3.408   8.204   -4.908 1.00 4.50  ? 7  5CM B C4    1 
HETATM 127 C C5    . 5CM B 1 1 ? 2.228   8.869   -4.438 1.00 5.00  ? 7  5CM B C5    1 
HETATM 128 C C5A   . 5CM B 1 1 ? 1.159   9.324   -5.422 1.00 5.80  ? 7  5CM B C5A   1 
HETATM 129 C C6    . 5CM B 1 1 ? 2.102   9.040   -3.100 1.00 5.50  ? 7  5CM B C6    1 
HETATM 130 O O2    . 5CM B 1 1 ? 5.043   7.548   -1.918 1.00 5.10  ? 7  5CM B O2    1 
HETATM 131 N N4    . 5CM B 1 1 ? 3.623   7.965   -6.203 1.00 4.30  ? 7  5CM B N4    1 
HETATM 132 C "C1'" . 5CM B 1 1 ? 2.932   8.815   -0.721 1.00 6.60  ? 7  5CM B "C1'" 1 
HETATM 133 C "C2'" . 5CM B 1 1 ? 3.450   10.239  -0.456 1.00 6.60  ? 7  5CM B "C2'" 1 
HETATM 134 C "C3'" . 5CM B 1 1 ? 2.735   10.449  0.900  1.00 7.30  ? 7  5CM B "C3'" 1 
HETATM 135 C "C4'" . 5CM B 1 1 ? 1.393   9.741   0.673  1.00 7.10  ? 7  5CM B "C4'" 1 
HETATM 136 O "O4'" . 5CM B 1 1 ? 1.583   8.863   -0.461 1.00 6.80  ? 7  5CM B "O4'" 1 
HETATM 137 O "O3'" . 5CM B 1 1 ? 3.399   9.771   1.887  1.00 8.70  ? 7  5CM B "O3'" 1 
HETATM 138 C "C5'" . 5CM B 1 1 ? 0.189   10.538  0.199  1.00 10.40 ? 7  5CM B "C5'" 1 
HETATM 139 O "O5'" . 5CM B 1 1 ? 0.481   11.565  -0.735 1.00 12.90 ? 7  5CM B "O5'" 1 
ATOM   140 P P     . DG  B 1 2 ? 3.473   10.244  3.467  1.00 10.10 ? 8  DG  B P     1 
ATOM   141 O OP1   . DG  B 1 2 ? 3.328   11.603  3.451  1.00 10.40 ? 8  DG  B OP1   1 
ATOM   142 O OP2   . DG  B 1 2 ? 4.495   9.461   4.036  1.00 21.10 ? 8  DG  B OP2   1 
ATOM   143 O "O5'" . DG  B 1 2 ? 2.006   9.721   4.008  1.00 7.60  ? 8  DG  B "O5'" 1 
ATOM   144 C "C5'" . DG  B 1 2 ? 1.855   8.333   4.025  1.00 7.40  ? 8  DG  B "C5'" 1 
ATOM   145 C "C4'" . DG  B 1 2 ? 0.446   8.067   4.521  1.00 6.50  ? 8  DG  B "C4'" 1 
ATOM   146 O "O4'" . DG  B 1 2 ? -0.506  8.597   3.629  1.00 6.20  ? 8  DG  B "O4'" 1 
ATOM   147 C "C3'" . DG  B 1 2 ? 0.087   6.583   4.597  1.00 5.70  ? 8  DG  B "C3'" 1 
ATOM   148 O "O3'" . DG  B 1 2 ? 0.192   6.140   5.984  1.00 7.00  ? 8  DG  B "O3'" 1 
ATOM   149 C "C2'" . DG  B 1 2 ? -1.324  6.420   4.124  1.00 5.50  ? 8  DG  B "C2'" 1 
ATOM   150 C "C1'" . DG  B 1 2 ? -1.640  7.768   3.429  1.00 5.80  ? 8  DG  B "C1'" 1 
ATOM   151 N N9    . DG  B 1 2 ? -1.848  7.719   2.001  1.00 6.10  ? 8  DG  B N9    1 
ATOM   152 C C8    . DG  B 1 2 ? -2.819  8.292   1.290  1.00 7.30  ? 8  DG  B C8    1 
ATOM   153 N N7    . DG  B 1 2 ? -2.712  8.136   -0.037 1.00 7.20  ? 8  DG  B N7    1 
ATOM   154 C C5    . DG  B 1 2 ? -1.564  7.345   -0.095 1.00 6.40  ? 8  DG  B C5    1 
ATOM   155 C C6    . DG  B 1 2 ? -0.845  6.825   -1.230 1.00 6.30  ? 8  DG  B C6    1 
ATOM   156 O O6    . DG  B 1 2 ? -1.142  6.991   -2.436 1.00 6.70  ? 8  DG  B O6    1 
ATOM   157 N N1    . DG  B 1 2 ? 0.252   6.081   -1.002 1.00 5.40  ? 8  DG  B N1    1 
ATOM   158 C C2    . DG  B 1 2 ? 0.725   6.003   0.249  1.00 6.20  ? 8  DG  B C2    1 
ATOM   159 N N2    . DG  B 1 2 ? 1.795   5.352   0.412  1.00 5.80  ? 8  DG  B N2    1 
ATOM   160 N N3    . DG  B 1 2 ? 0.147   6.409   1.390  1.00 5.00  ? 8  DG  B N3    1 
ATOM   161 C C4    . DG  B 1 2 ? -0.977  7.079   1.096  1.00 6.10  ? 8  DG  B C4    1 
ATOM   162 P P     . DT  B 1 3 ? 1.222   4.971   6.350  1.00 7.40  ? 9  DT  B P     1 
ATOM   163 O OP1   . DT  B 1 3 ? 1.130   4.837   7.781  1.00 8.40  ? 9  DT  B OP1   1 
ATOM   164 O OP2   . DT  B 1 3 ? 2.494   5.173   5.826  1.00 9.90  ? 9  DT  B OP2   1 
ATOM   165 O "O5'" . DT  B 1 3 ? 0.579   3.649   5.708  1.00 7.60  ? 9  DT  B "O5'" 1 
ATOM   166 C "C5'" . DT  B 1 3 ? 0.590   2.380   6.186  1.00 6.90  ? 9  DT  B "C5'" 1 
ATOM   167 C "C4'" . DT  B 1 3 ? 1.154   1.465   5.006  1.00 5.50  ? 9  DT  B "C4'" 1 
ATOM   168 O "O4'" . DT  B 1 3 ? 0.214   1.390   3.959  1.00 6.50  ? 9  DT  B "O4'" 1 
ATOM   169 C "C3'" . DT  B 1 3 ? 2.489   1.911   4.319  1.00 7.10  ? 9  DT  B "C3'" 1 
ATOM   170 O "O3'" . DT  B 1 3 ? 3.253   0.797   3.969  1.00 6.90  ? 9  DT  B "O3'" 1 
ATOM   171 C "C2'" . DT  B 1 3 ? 1.966   2.616   3.030  1.00 5.80  ? 9  DT  B "C2'" 1 
ATOM   172 C "C1'" . DT  B 1 3 ? 0.785   1.633   2.714  1.00 5.90  ? 9  DT  B "C1'" 1 
ATOM   173 N N1    . DT  B 1 3 ? -0.248  2.308   1.831  1.00 5.40  ? 9  DT  B N1    1 
ATOM   174 C C2    . DT  B 1 3 ? -0.003  2.266   0.505  1.00 5.90  ? 9  DT  B C2    1 
ATOM   175 O O2    . DT  B 1 3 ? 0.963   1.628   0.099  1.00 7.50  ? 9  DT  B O2    1 
ATOM   176 N N3    . DT  B 1 3 ? -0.868  2.859   -0.364 1.00 6.00  ? 9  DT  B N3    1 
ATOM   177 C C4    . DT  B 1 3 ? -1.965  3.593   0.072  1.00 5.90  ? 9  DT  B C4    1 
ATOM   178 O O4    . DT  B 1 3 ? -2.644  4.099   -0.818 1.00 6.10  ? 9  DT  B O4    1 
ATOM   179 C C5    . DT  B 1 3 ? -2.183  3.668   1.527  1.00 5.50  ? 9  DT  B C5    1 
ATOM   180 C C7    . DT  B 1 3 ? -3.387  4.411   2.073  1.00 6.40  ? 9  DT  B C7    1 
ATOM   181 C C6    . DT  B 1 3 ? -1.361  3.047   2.290  1.00 5.40  ? 9  DT  B C6    1 
ATOM   182 P P     . DA  B 1 4 ? 4.327   0.151   4.918  1.00 7.10  ? 10 DA  B P     1 
ATOM   183 O OP1   . DA  B 1 4 ? 5.085   1.126   5.595  1.00 7.70  ? 10 DA  B OP1   1 
ATOM   184 O OP2   . DA  B 1 4 ? 5.036   -0.833  4.061  1.00 8.50  ? 10 DA  B OP2   1 
ATOM   185 O "O5'" . DA  B 1 4 ? 3.548   -0.701  6.050  1.00 7.30  ? 10 DA  B "O5'" 1 
ATOM   186 C "C5'" . DA  B 1 4 ? 2.854   -1.933  5.642  1.00 8.40  ? 10 DA  B "C5'" 1 
ATOM   187 C "C4'" . DA  B 1 4 ? 2.077   -2.246  6.933  1.00 9.80  ? 10 DA  B "C4'" 1 
ATOM   188 O "O4'" . DA  B 1 4 ? 1.160   -1.308  7.235  1.00 10.40 ? 10 DA  B "O4'" 1 
ATOM   189 C "C3'" . DA  B 1 4 ? 1.225   -3.542  6.704  1.00 11.70 ? 10 DA  B "C3'" 1 
ATOM   190 O "O3'" . DA  B 1 4 ? 1.980   -4.517  7.452  1.00 13.50 ? 10 DA  B "O3'" 1 
ATOM   191 C "C2'" . DA  B 1 4 ? -0.149  -3.198  7.227  1.00 11.30 ? 10 DA  B "C2'" 1 
ATOM   192 C "C1'" . DA  B 1 4 ? -0.175  -1.702  7.571  1.00 10.00 ? 10 DA  B "C1'" 1 
ATOM   193 N N9    . DA  B 1 4 ? -1.142  -0.928  6.886  1.00 8.70  ? 10 DA  B N9    1 
ATOM   194 C C8    . DA  B 1 4 ? -1.990  -0.036  7.366  1.00 9.30  ? 10 DA  B C8    1 
ATOM   195 N N7    . DA  B 1 4 ? -2.806  0.628   6.591  1.00 8.60  ? 10 DA  B N7    1 
ATOM   196 C C5    . DA  B 1 4 ? -2.453  0.005   5.412  1.00 8.00  ? 10 DA  B C5    1 
ATOM   197 C C6    . DA  B 1 4 ? -2.970  0.269   4.117  1.00 7.40  ? 10 DA  B C6    1 
ATOM   198 N N6    . DA  B 1 4 ? -3.933  1.182   3.834  1.00 8.20  ? 10 DA  B N6    1 
ATOM   199 N N1    . DA  B 1 4 ? -2.392  -0.451  3.110  1.00 7.30  ? 10 DA  B N1    1 
ATOM   200 C C2    . DA  B 1 4 ? -1.444  -1.305  3.379  1.00 7.30  ? 10 DA  B C2    1 
ATOM   201 N N3    . DA  B 1 4 ? -0.843  -1.673  4.577  1.00 7.90  ? 10 DA  B N3    1 
ATOM   202 C C4    . DA  B 1 4 ? -1.432  -0.878  5.521  1.00 8.10  ? 10 DA  B C4    1 
HETATM 203 N N1    . 5CM B 1 5 ? -2.365  -5.359  3.927  1.00 6.60  ? 11 5CM B N1    1 
HETATM 204 C C2    . 5CM B 1 5 ? -3.042  -4.701  2.955  1.00 5.70  ? 11 5CM B C2    1 
HETATM 205 N N3    . 5CM B 1 5 ? -3.936  -3.767  3.351  1.00 6.40  ? 11 5CM B N3    1 
HETATM 206 C C4    . 5CM B 1 5 ? -4.172  -3.428  4.704  1.00 6.10  ? 11 5CM B C4    1 
HETATM 207 C C5    . 5CM B 1 5 ? -3.420  -4.158  5.691  1.00 5.40  ? 11 5CM B C5    1 
HETATM 208 C C5A   . 5CM B 1 5 ? -3.630  -3.854  7.166  1.00 6.90  ? 11 5CM B C5A   1 
HETATM 209 C C6    . 5CM B 1 5 ? -2.584  -5.086  5.292  1.00 5.70  ? 11 5CM B C6    1 
HETATM 210 O O2    . 5CM B 1 5 ? -2.865  -4.935  1.782  1.00 6.70  ? 11 5CM B O2    1 
HETATM 211 N N4    . 5CM B 1 5 ? -5.018  -2.451  5.004  1.00 6.00  ? 11 5CM B N4    1 
HETATM 212 C "C1'" . 5CM B 1 5 ? -1.388  -6.368  3.455  1.00 7.80  ? 11 5CM B "C1'" 1 
HETATM 213 C "C2'" . 5CM B 1 5 ? -0.051  -5.605  3.077  1.00 9.80  ? 11 5CM B "C2'" 1 
HETATM 214 C "C3'" . 5CM B 1 5 ? 0.930   -6.808  3.190  1.00 11.00 ? 11 5CM B "C3'" 1 
HETATM 215 C "C4'" . 5CM B 1 5 ? 0.358   -7.738  4.286  1.00 10.30 ? 11 5CM B "C4'" 1 
HETATM 216 O "O4'" . 5CM B 1 5 ? -1.007  -7.272  4.498  1.00 9.80  ? 11 5CM B "O4'" 1 
HETATM 217 O "O3'" . 5CM B 1 5 ? 0.955   -7.598  2.012  1.00 13.00 ? 11 5CM B "O3'" 1 
HETATM 218 C "C5'" . 5CM B 1 5 ? 1.113   -7.899  5.656  1.00 10.90 ? 11 5CM B "C5'" 1 
HETATM 219 O "O5'" . 5CM B 1 5 ? 1.109   -6.581  6.098  1.00 13.20 ? 11 5CM B "O5'" 1 
HETATM 220 P P     . 5CM B 1 5 ? 2.416   -5.841  6.831  1.00 13.50 ? 11 5CM B P     1 
HETATM 221 O OP1   . 5CM B 1 5 ? 2.642   -6.794  7.926  1.00 15.30 ? 11 5CM B OP1   1 
HETATM 222 O OP2   . 5CM B 1 5 ? 3.361   -5.592  5.727  1.00 14.90 ? 11 5CM B OP2   1 
ATOM   223 P P     . DG  B 1 6 ? 2.235   -8.322  1.436  1.00 15.50 ? 12 DG  B P     1 
ATOM   224 O OP1   . DG  B 1 6 ? 3.320   -7.433  1.569  1.00 15.70 ? 12 DG  B OP1   1 
ATOM   225 O OP2   . DG  B 1 6 ? 1.763   -8.854  0.117  1.00 17.00 ? 12 DG  B OP2   1 
ATOM   226 O "O5'" . DG  B 1 6 ? 2.630   -9.610  2.367  1.00 15.10 ? 12 DG  B "O5'" 1 
ATOM   227 C "C5'" . DG  B 1 6 ? 1.640   -10.636 2.227  1.00 14.20 ? 12 DG  B "C5'" 1 
ATOM   228 C "C4'" . DG  B 1 6 ? 2.061   -11.695 3.230  1.00 12.60 ? 12 DG  B "C4'" 1 
ATOM   229 O "O4'" . DG  B 1 6 ? 1.742   -11.254 4.581  1.00 10.70 ? 12 DG  B "O4'" 1 
ATOM   230 C "C3'" . DG  B 1 6 ? 1.377   -13.075 2.966  1.00 13.60 ? 12 DG  B "C3'" 1 
ATOM   231 O "O3'" . DG  B 1 6 ? 2.388   -14.057 3.513  1.00 16.50 ? 12 DG  B "O3'" 1 
ATOM   232 C "C2'" . DG  B 1 6 ? 0.252   -12.930 3.871  1.00 10.90 ? 12 DG  B "C2'" 1 
ATOM   233 C "C1'" . DG  B 1 6 ? 0.784   -12.263 5.102  1.00 10.50 ? 12 DG  B "C1'" 1 
ATOM   234 N N9    . DG  B 1 6 ? -0.143  -11.469 5.879  1.00 10.40 ? 12 DG  B N9    1 
ATOM   235 C C8    . DG  B 1 6 ? -0.142  -11.240 7.202  1.00 9.30  ? 12 DG  B C8    1 
ATOM   236 N N7    . DG  B 1 6 ? -1.102  -10.415 7.587  1.00 9.90  ? 12 DG  B N7    1 
ATOM   237 C C5    . DG  B 1 6 ? -1.735  -10.066 6.436  1.00 8.90  ? 12 DG  B C5    1 
ATOM   238 C C6    . DG  B 1 6 ? -2.858  -9.253  6.181  1.00 8.70  ? 12 DG  B C6    1 
ATOM   239 O O6    . DG  B 1 6 ? -3.530  -8.599  7.074  1.00 8.10  ? 12 DG  B O6    1 
ATOM   240 N N1    . DG  B 1 6 ? -3.305  -9.115  4.893  1.00 7.30  ? 12 DG  B N1    1 
ATOM   241 C C2    . DG  B 1 6 ? -2.640  -9.786  3.913  1.00 7.90  ? 12 DG  B C2    1 
ATOM   242 N N2    . DG  B 1 6 ? -3.030  -9.567  2.747  1.00 7.30  ? 12 DG  B N2    1 
ATOM   243 N N3    . DG  B 1 6 ? -1.565  -10.577 4.043  1.00 8.20  ? 12 DG  B N3    1 
ATOM   244 C C4    . DG  B 1 6 ? -1.191  -10.695 5.352  1.00 9.00  ? 12 DG  B C4    1 
# 
